data_6U67
#
_entry.id   6U67
#
_cell.length_a   67.514
_cell.length_b   134.376
_cell.length_c   70.794
_cell.angle_alpha   90.000
_cell.angle_beta   90.000
_cell.angle_gamma   90.000
#
_symmetry.space_group_name_H-M   'C 2 2 21'
#
loop_
_entity.id
_entity.type
_entity.pdbx_description
1 polymer 'Induced myeloid leukemia cell differentiation protein Mcl-1'
2 non-polymer '2-({[4-(4-tert-butylphenyl)piperazin-1-yl]sulfonyl}amino)-5-{[3-oxo-3-(phenylamino)propyl]sulfanyl}benzoic acid'
3 non-polymer BIPHENYL
4 water water
#
_entity_poly.entity_id   1
_entity_poly.type   'polypeptide(L)'
_entity_poly.pdbx_seq_one_letter_code
;SNAEDELYRQSLEIISRYLREQATGAKDTKPMGRSGATSRKALETLRRVGDGVQRNHETAFQGMLRKLDIKNEDDVKSLS
RVMIHVFSDGVTNWGRIVTLISFGAFVAKHLKTINQESCIEPLAESITDVLVRTKRDWLVKQRGWDGFVEFFHVED
;
_entity_poly.pdbx_strand_id   A,B
#
loop_
_chem_comp.id
_chem_comp.type
_chem_comp.name
_chem_comp.formula
BNL non-polymer BIPHENYL 'C12 H10'
Q01 non-polymer '2-({[4-(4-tert-butylphenyl)piperazin-1-yl]sulfonyl}amino)-5-{[3-oxo-3-(phenylamino)propyl]sulfanyl}benzoic acid' 'C30 H36 N4 O5 S2'
#
# COMPACT_ATOMS: atom_id res chain seq x y z
N ASP A 5 5.90 -26.77 4.92
CA ASP A 5 7.21 -26.22 5.31
C ASP A 5 7.21 -25.83 6.79
N GLU A 6 8.24 -26.33 7.50
CA GLU A 6 8.46 -26.20 8.93
C GLU A 6 8.58 -24.75 9.40
N LEU A 7 9.43 -23.96 8.73
CA LEU A 7 9.65 -22.56 9.07
C LEU A 7 8.34 -21.76 8.98
N TYR A 8 7.56 -22.00 7.92
CA TYR A 8 6.26 -21.34 7.80
C TYR A 8 5.36 -21.73 8.98
N ARG A 9 5.25 -23.04 9.25
CA ARG A 9 4.38 -23.55 10.32
C ARG A 9 4.77 -22.96 11.69
N GLN A 10 6.07 -22.95 12.04
CA GLN A 10 6.53 -22.40 13.33
C GLN A 10 6.31 -20.87 13.37
N SER A 11 6.61 -20.15 12.28
CA SER A 11 6.38 -18.69 12.23
C SER A 11 4.90 -18.37 12.47
N LEU A 12 3.98 -19.09 11.79
CA LEU A 12 2.54 -18.88 11.92
C LEU A 12 2.10 -19.19 13.35
N GLU A 13 2.65 -20.26 13.97
CA GLU A 13 2.35 -20.64 15.35
C GLU A 13 2.61 -19.45 16.28
N ILE A 14 3.82 -18.89 16.24
CA ILE A 14 4.21 -17.74 17.04
C ILE A 14 3.34 -16.50 16.68
N ILE A 15 3.26 -16.13 15.39
CA ILE A 15 2.58 -14.91 14.95
C ILE A 15 1.07 -14.97 15.24
N SER A 16 0.38 -16.06 14.89
CA SER A 16 -1.06 -16.19 15.16
C SER A 16 -1.33 -16.12 16.65
N ARG A 17 -0.53 -16.80 17.48
CA ARG A 17 -0.74 -16.77 18.93
C ARG A 17 -0.51 -15.36 19.49
N TYR A 18 0.56 -14.65 19.03
CA TYR A 18 0.81 -13.30 19.54
C TYR A 18 -0.32 -12.34 19.16
N LEU A 19 -0.78 -12.38 17.89
CA LEU A 19 -1.87 -11.48 17.44
C LEU A 19 -3.19 -11.78 18.14
N ARG A 20 -3.54 -13.04 18.29
CA ARG A 20 -4.81 -13.36 18.97
C ARG A 20 -4.74 -13.01 20.47
N GLU A 21 -3.58 -13.23 21.11
CA GLU A 21 -3.42 -12.95 22.55
C GLU A 21 -3.51 -11.45 22.80
N GLN A 22 -2.87 -10.63 21.94
CA GLN A 22 -2.92 -9.16 22.04
C GLN A 22 -4.35 -8.67 21.86
N ALA A 23 -5.08 -9.26 20.91
CA ALA A 23 -6.47 -8.84 20.65
C ALA A 23 -7.44 -9.24 21.76
N THR A 24 -7.32 -10.46 22.32
CA THR A 24 -8.29 -10.98 23.31
C THR A 24 -7.90 -10.80 24.79
N GLY A 25 -6.61 -10.67 25.06
CA GLY A 25 -6.10 -10.58 26.44
C GLY A 25 -5.95 -11.92 27.13
N ALA A 26 -6.18 -13.03 26.40
CA ALA A 26 -6.10 -14.40 26.92
C ALA A 26 -5.01 -15.22 26.21
N LYS A 27 -4.25 -16.02 26.96
CA LYS A 27 -3.23 -16.90 26.41
C LYS A 27 -3.86 -18.14 25.83
N ASP A 28 -3.29 -18.68 24.76
CA ASP A 28 -3.72 -19.93 24.15
C ASP A 28 -3.00 -21.05 24.89
N THR A 29 -3.74 -21.98 25.48
CA THR A 29 -3.15 -23.08 26.25
C THR A 29 -3.08 -24.39 25.44
N LYS A 30 -3.50 -24.36 24.14
CA LYS A 30 -3.44 -25.57 23.30
C LYS A 30 -1.96 -25.88 23.02
N PRO A 31 -1.60 -27.16 22.83
CA PRO A 31 -0.19 -27.53 22.63
C PRO A 31 0.39 -26.95 21.36
N MET A 32 1.70 -26.72 21.38
CA MET A 32 2.46 -26.26 20.23
C MET A 32 3.01 -27.47 19.51
N GLY A 33 3.57 -27.26 18.33
CA GLY A 33 4.18 -28.33 17.57
C GLY A 33 5.60 -28.61 18.03
N ARG A 34 6.38 -29.23 17.15
CA ARG A 34 7.80 -29.49 17.37
C ARG A 34 8.42 -28.08 17.38
N SER A 35 9.40 -27.85 18.26
CA SER A 35 10.05 -26.55 18.48
C SER A 35 9.17 -25.64 19.37
N GLY A 36 8.26 -26.28 20.12
CA GLY A 36 7.38 -25.60 21.04
C GLY A 36 8.15 -24.85 22.13
N ALA A 37 9.31 -25.39 22.59
CA ALA A 37 10.13 -24.68 23.61
C ALA A 37 10.63 -23.33 23.04
N THR A 38 11.08 -23.33 21.77
CA THR A 38 11.51 -22.08 21.10
C THR A 38 10.32 -21.15 20.88
N SER A 39 9.16 -21.70 20.43
CA SER A 39 7.98 -20.83 20.20
C SER A 39 7.52 -20.14 21.49
N ARG A 40 7.61 -20.83 22.65
CA ARG A 40 7.23 -20.21 23.93
C ARG A 40 8.18 -19.07 24.27
N LYS A 41 9.49 -19.26 24.03
CA LYS A 41 10.48 -18.20 24.30
C LYS A 41 10.27 -17.04 23.32
N ALA A 42 9.90 -17.34 22.04
CA ALA A 42 9.61 -16.28 21.04
C ALA A 42 8.41 -15.45 21.47
N LEU A 43 7.39 -16.10 22.06
CA LEU A 43 6.18 -15.39 22.54
C LEU A 43 6.50 -14.55 23.75
N GLU A 44 7.39 -15.02 24.63
CA GLU A 44 7.83 -14.27 25.82
C GLU A 44 8.57 -13.02 25.35
N THR A 45 9.38 -13.18 24.30
CA THR A 45 10.12 -12.09 23.70
C THR A 45 9.14 -11.07 23.10
N LEU A 46 8.14 -11.53 22.33
CA LEU A 46 7.18 -10.62 21.69
C LEU A 46 6.35 -9.88 22.72
N ARG A 47 6.05 -10.51 23.87
CA ARG A 47 5.28 -9.82 24.92
C ARG A 47 6.10 -8.66 25.48
N ARG A 48 7.43 -8.77 25.50
CA ARG A 48 8.28 -7.69 25.98
C ARG A 48 8.55 -6.68 24.84
N VAL A 49 9.23 -7.13 23.77
CA VAL A 49 9.65 -6.27 22.64
C VAL A 49 8.48 -5.73 21.80
N GLY A 50 7.54 -6.59 21.42
CA GLY A 50 6.40 -6.21 20.59
C GLY A 50 5.48 -5.24 21.29
N ASP A 51 5.26 -5.44 22.60
CA ASP A 51 4.42 -4.54 23.38
C ASP A 51 5.13 -3.18 23.48
N GLY A 52 6.44 -3.21 23.67
CA GLY A 52 7.27 -2.01 23.73
C GLY A 52 7.25 -1.22 22.44
N VAL A 53 7.38 -1.89 21.26
CA VAL A 53 7.37 -1.21 19.95
C VAL A 53 6.02 -0.50 19.74
N GLN A 54 4.89 -1.18 20.03
CA GLN A 54 3.57 -0.59 19.90
C GLN A 54 3.39 0.64 20.77
N ARG A 55 3.94 0.64 21.99
CA ARG A 55 3.86 1.78 22.93
C ARG A 55 4.75 2.92 22.47
N ASN A 56 6.01 2.62 22.12
CA ASN A 56 6.99 3.64 21.73
C ASN A 56 6.70 4.23 20.35
N HIS A 57 5.96 3.53 19.49
CA HIS A 57 5.69 4.02 18.14
C HIS A 57 4.21 4.14 17.87
N GLU A 58 3.43 4.36 18.94
CA GLU A 58 1.98 4.43 18.92
C GLU A 58 1.43 5.42 17.85
N THR A 59 2.00 6.64 17.77
CA THR A 59 1.50 7.64 16.82
C THR A 59 1.72 7.19 15.37
N ALA A 60 2.91 6.65 15.06
CA ALA A 60 3.18 6.14 13.71
C ALA A 60 2.24 4.95 13.39
N PHE A 61 2.04 4.03 14.36
CA PHE A 61 1.15 2.88 14.15
C PHE A 61 -0.29 3.35 13.93
N GLN A 62 -0.77 4.38 14.69
CA GLN A 62 -2.14 4.90 14.53
CA GLN A 62 -2.13 4.88 14.53
C GLN A 62 -2.33 5.49 13.12
N GLY A 63 -1.32 6.24 12.65
CA GLY A 63 -1.33 6.86 11.32
C GLY A 63 -1.36 5.82 10.22
N MET A 64 -0.53 4.78 10.35
CA MET A 64 -0.53 3.69 9.36
C MET A 64 -1.86 2.94 9.40
N LEU A 65 -2.39 2.66 10.61
CA LEU A 65 -3.68 1.96 10.72
C LEU A 65 -4.80 2.77 10.07
N ARG A 66 -4.85 4.09 10.34
CA ARG A 66 -5.94 4.95 9.82
C ARG A 66 -5.87 5.04 8.30
N LYS A 67 -4.66 5.15 7.73
CA LYS A 67 -4.51 5.28 6.27
C LYS A 67 -4.86 3.99 5.55
N LEU A 68 -4.44 2.85 6.09
CA LEU A 68 -4.71 1.55 5.47
C LEU A 68 -6.15 1.12 5.57
N ASP A 69 -6.85 1.46 6.68
CA ASP A 69 -8.25 1.17 6.94
C ASP A 69 -8.57 -0.29 6.59
N ILE A 70 -7.96 -1.21 7.32
CA ILE A 70 -8.14 -2.64 7.12
C ILE A 70 -9.39 -3.03 7.90
N LYS A 71 -10.41 -3.53 7.21
CA LYS A 71 -11.64 -3.86 7.91
C LYS A 71 -12.24 -5.23 7.53
N ASN A 72 -11.62 -5.94 6.58
CA ASN A 72 -12.11 -7.26 6.13
C ASN A 72 -11.00 -8.08 5.47
N GLU A 73 -11.31 -9.35 5.14
CA GLU A 73 -10.38 -10.31 4.54
C GLU A 73 -9.85 -9.86 3.18
N ASP A 74 -10.70 -9.24 2.34
CA ASP A 74 -10.31 -8.72 1.01
C ASP A 74 -9.28 -7.61 1.15
N ASP A 75 -9.45 -6.71 2.17
CA ASP A 75 -8.47 -5.68 2.47
C ASP A 75 -7.12 -6.33 2.83
N VAL A 76 -7.15 -7.36 3.68
CA VAL A 76 -5.91 -8.09 4.10
C VAL A 76 -5.22 -8.70 2.85
N LYS A 77 -6.01 -9.34 1.96
CA LYS A 77 -5.56 -9.96 0.70
C LYS A 77 -4.87 -8.98 -0.21
N SER A 78 -5.52 -7.83 -0.53
CA SER A 78 -4.96 -6.78 -1.37
C SER A 78 -3.71 -6.23 -0.81
N LEU A 79 -3.74 -5.90 0.51
CA LEU A 79 -2.57 -5.34 1.15
C LEU A 79 -1.38 -6.33 1.17
N SER A 80 -1.63 -7.64 1.36
CA SER A 80 -0.52 -8.61 1.40
C SER A 80 0.21 -8.68 0.07
N ARG A 81 -0.50 -8.56 -1.06
CA ARG A 81 0.13 -8.59 -2.37
C ARG A 81 1.10 -7.42 -2.56
N VAL A 82 0.71 -6.20 -2.10
CA VAL A 82 1.61 -5.04 -2.24
C VAL A 82 2.73 -5.10 -1.20
N MET A 83 2.41 -5.56 0.04
CA MET A 83 3.40 -5.58 1.12
C MET A 83 4.49 -6.62 0.89
N ILE A 84 4.23 -7.67 0.09
CA ILE A 84 5.29 -8.62 -0.28
C ILE A 84 6.37 -7.84 -1.09
N HIS A 85 5.94 -6.91 -1.97
CA HIS A 85 6.90 -6.10 -2.72
C HIS A 85 7.58 -5.08 -1.83
N VAL A 86 6.80 -4.35 -0.98
CA VAL A 86 7.40 -3.30 -0.14
C VAL A 86 8.41 -3.92 0.87
N PHE A 87 8.01 -5.02 1.53
CA PHE A 87 8.88 -5.67 2.51
C PHE A 87 10.17 -6.26 1.88
N SER A 88 10.21 -6.47 0.54
CA SER A 88 11.41 -7.03 -0.12
C SER A 88 12.51 -6.01 -0.32
N ASP A 89 12.17 -4.71 -0.24
CA ASP A 89 13.12 -3.63 -0.49
C ASP A 89 13.83 -3.18 0.79
N GLY A 90 15.12 -2.87 0.66
CA GLY A 90 15.92 -2.31 1.74
C GLY A 90 16.54 -3.33 2.66
N VAL A 91 17.13 -2.84 3.76
CA VAL A 91 17.86 -3.70 4.71
C VAL A 91 16.93 -4.66 5.49
N THR A 92 17.47 -5.81 5.89
CA THR A 92 16.75 -6.78 6.72
C THR A 92 17.46 -6.88 8.06
N ASN A 93 16.69 -6.75 9.16
CA ASN A 93 17.23 -6.92 10.50
C ASN A 93 16.10 -7.35 11.41
N TRP A 94 16.43 -7.84 12.61
CA TRP A 94 15.38 -8.30 13.53
C TRP A 94 14.45 -7.16 13.97
N GLY A 95 14.94 -5.93 13.95
CA GLY A 95 14.12 -4.74 14.28
C GLY A 95 12.99 -4.56 13.30
N ARG A 96 13.29 -4.68 12.00
CA ARG A 96 12.28 -4.57 10.94
C ARG A 96 11.24 -5.69 11.08
N ILE A 97 11.69 -6.92 11.32
CA ILE A 97 10.81 -8.08 11.42
C ILE A 97 9.90 -8.01 12.68
N VAL A 98 10.41 -7.57 13.82
CA VAL A 98 9.58 -7.48 15.03
C VAL A 98 8.57 -6.33 14.85
N THR A 99 8.94 -5.25 14.06
CA THR A 99 8.01 -4.13 13.84
C THR A 99 6.82 -4.62 13.00
N LEU A 100 7.09 -5.44 11.96
CA LEU A 100 5.99 -6.02 11.15
C LEU A 100 5.01 -6.81 12.05
N ILE A 101 5.55 -7.65 12.93
CA ILE A 101 4.70 -8.48 13.82
C ILE A 101 3.93 -7.60 14.80
N SER A 102 4.63 -6.59 15.37
CA SER A 102 4.04 -5.64 16.32
C SER A 102 2.90 -4.86 15.65
N PHE A 103 3.11 -4.45 14.38
CA PHE A 103 2.05 -3.75 13.64
C PHE A 103 0.88 -4.69 13.40
N GLY A 104 1.16 -5.96 13.16
CA GLY A 104 0.11 -6.97 13.02
C GLY A 104 -0.75 -7.06 14.28
N ALA A 105 -0.10 -7.06 15.46
CA ALA A 105 -0.83 -7.12 16.75
C ALA A 105 -1.68 -5.83 16.96
N PHE A 106 -1.13 -4.67 16.54
CA PHE A 106 -1.81 -3.39 16.64
C PHE A 106 -3.10 -3.44 15.81
N VAL A 107 -3.01 -4.00 14.58
CA VAL A 107 -4.16 -4.17 13.66
C VAL A 107 -5.13 -5.20 14.26
N ALA A 108 -4.61 -6.32 14.78
CA ALA A 108 -5.50 -7.36 15.38
C ALA A 108 -6.35 -6.78 16.52
N LYS A 109 -5.76 -5.91 17.38
CA LYS A 109 -6.51 -5.25 18.48
C LYS A 109 -7.62 -4.38 17.92
N HIS A 110 -7.34 -3.66 16.80
CA HIS A 110 -8.34 -2.82 16.14
C HIS A 110 -9.46 -3.70 15.55
N LEU A 111 -9.11 -4.83 14.89
CA LEU A 111 -10.11 -5.75 14.32
C LEU A 111 -11.07 -6.29 15.39
N LYS A 112 -10.58 -6.59 16.60
CA LYS A 112 -11.45 -7.04 17.70
C LYS A 112 -12.43 -5.92 18.08
N THR A 113 -11.97 -4.64 18.09
CA THR A 113 -12.81 -3.48 18.44
C THR A 113 -13.97 -3.30 17.43
N ILE A 114 -13.73 -3.56 16.12
CA ILE A 114 -14.77 -3.37 15.11
C ILE A 114 -15.55 -4.67 14.80
N ASN A 115 -15.50 -5.64 15.74
CA ASN A 115 -16.16 -6.95 15.69
C ASN A 115 -15.77 -7.71 14.40
N GLN A 116 -14.45 -7.73 14.12
CA GLN A 116 -13.87 -8.41 12.96
C GLN A 116 -12.82 -9.41 13.45
N GLU A 117 -13.09 -10.06 14.62
CA GLU A 117 -12.21 -11.06 15.22
C GLU A 117 -11.87 -12.19 14.24
N SER A 118 -12.84 -12.51 13.35
CA SER A 118 -12.72 -13.53 12.31
C SER A 118 -11.61 -13.21 11.30
N CYS A 119 -11.16 -11.94 11.24
CA CYS A 119 -10.13 -11.49 10.31
C CYS A 119 -8.71 -11.58 10.91
N ILE A 120 -8.59 -11.91 12.21
CA ILE A 120 -7.28 -12.02 12.87
C ILE A 120 -6.46 -13.20 12.30
N GLU A 121 -7.05 -14.42 12.19
CA GLU A 121 -6.30 -15.56 11.63
C GLU A 121 -5.83 -15.28 10.17
N PRO A 122 -6.66 -14.76 9.22
CA PRO A 122 -6.15 -14.41 7.87
C PRO A 122 -5.06 -13.33 7.93
N LEU A 123 -5.17 -12.38 8.90
CA LEU A 123 -4.15 -11.35 9.10
C LEU A 123 -2.84 -12.01 9.52
N ALA A 124 -2.88 -12.94 10.51
CA ALA A 124 -1.69 -13.66 10.95
C ALA A 124 -1.06 -14.47 9.80
N GLU A 125 -1.88 -15.09 8.95
CA GLU A 125 -1.39 -15.84 7.79
C GLU A 125 -0.68 -14.90 6.78
N SER A 126 -1.26 -13.73 6.49
CA SER A 126 -0.67 -12.77 5.57
C SER A 126 0.62 -12.19 6.14
N ILE A 127 0.65 -11.89 7.45
CA ILE A 127 1.89 -11.39 8.08
C ILE A 127 2.97 -12.48 7.90
N THR A 128 2.59 -13.77 8.15
CA THR A 128 3.53 -14.89 8.06
C THR A 128 4.01 -15.03 6.58
N ASP A 129 3.08 -14.93 5.61
CA ASP A 129 3.38 -15.02 4.19
CA ASP A 129 3.37 -14.98 4.17
C ASP A 129 4.38 -13.92 3.79
N VAL A 130 4.11 -12.66 4.16
CA VAL A 130 4.98 -11.54 3.86
C VAL A 130 6.39 -11.82 4.40
N LEU A 131 6.47 -12.25 5.66
CA LEU A 131 7.74 -12.50 6.32
C LEU A 131 8.51 -13.66 5.71
N VAL A 132 7.86 -14.83 5.55
CA VAL A 132 8.56 -16.01 5.08
C VAL A 132 8.85 -15.96 3.57
N ARG A 133 7.94 -15.42 2.75
CA ARG A 133 8.19 -15.33 1.31
C ARG A 133 9.31 -14.34 0.95
N THR A 134 9.52 -13.32 1.76
CA THR A 134 10.55 -12.36 1.41
C THR A 134 11.83 -12.56 2.19
N LYS A 135 11.77 -13.15 3.42
CA LYS A 135 12.99 -13.26 4.26
C LYS A 135 13.42 -14.69 4.57
N ARG A 136 12.83 -15.70 3.92
CA ARG A 136 13.19 -17.11 4.18
C ARG A 136 14.71 -17.34 4.35
N ASP A 137 15.53 -16.96 3.35
CA ASP A 137 16.98 -17.23 3.42
C ASP A 137 17.65 -16.48 4.59
N TRP A 138 17.26 -15.21 4.84
CA TRP A 138 17.80 -14.42 5.95
C TRP A 138 17.42 -15.06 7.29
N LEU A 139 16.16 -15.52 7.42
CA LEU A 139 15.67 -16.18 8.65
C LEU A 139 16.45 -17.44 8.95
N VAL A 140 16.68 -18.27 7.92
CA VAL A 140 17.46 -19.51 8.02
C VAL A 140 18.90 -19.18 8.44
N LYS A 141 19.54 -18.21 7.76
CA LYS A 141 20.94 -17.83 8.06
C LYS A 141 21.12 -17.28 9.47
N GLN A 142 20.08 -16.62 10.01
CA GLN A 142 20.11 -15.96 11.32
C GLN A 142 19.57 -16.85 12.44
N ARG A 143 19.53 -18.18 12.20
CA ARG A 143 19.13 -19.22 13.16
C ARG A 143 17.64 -19.23 13.52
N GLY A 144 16.79 -18.74 12.61
CA GLY A 144 15.34 -18.76 12.77
C GLY A 144 14.84 -18.13 14.05
N TRP A 145 13.84 -18.75 14.67
CA TRP A 145 13.25 -18.20 15.88
C TRP A 145 14.19 -18.31 17.09
N ASP A 146 15.14 -19.28 17.09
CA ASP A 146 16.16 -19.33 18.13
C ASP A 146 17.01 -18.05 18.06
N GLY A 147 17.37 -17.65 16.82
CA GLY A 147 18.12 -16.42 16.56
C GLY A 147 17.37 -15.19 17.05
N PHE A 148 16.04 -15.16 16.82
CA PHE A 148 15.14 -14.07 17.26
C PHE A 148 15.20 -13.91 18.79
N VAL A 149 15.00 -15.01 19.52
CA VAL A 149 15.06 -15.05 21.00
C VAL A 149 16.46 -14.58 21.47
N GLU A 150 17.54 -15.08 20.82
CA GLU A 150 18.92 -14.70 21.19
C GLU A 150 19.16 -13.20 21.01
N PHE A 151 18.70 -12.64 19.88
CA PHE A 151 18.92 -11.22 19.59
C PHE A 151 18.29 -10.29 20.65
N PHE A 152 17.10 -10.63 21.14
CA PHE A 152 16.38 -9.79 22.08
C PHE A 152 16.51 -10.21 23.54
N HIS A 153 17.41 -11.18 23.84
CA HIS A 153 17.66 -11.73 25.18
C HIS A 153 18.03 -10.63 26.18
N VAL A 154 17.39 -10.66 27.37
CA VAL A 154 17.63 -9.70 28.44
C VAL A 154 18.75 -10.16 29.36
N ALA B 3 -21.65 4.43 -13.08
CA ALA B 3 -21.31 4.04 -14.45
C ALA B 3 -21.49 5.21 -15.46
N GLU B 4 -22.59 5.99 -15.34
CA GLU B 4 -22.89 7.12 -16.24
C GLU B 4 -22.45 8.47 -15.62
N ASP B 5 -21.38 8.44 -14.82
CA ASP B 5 -20.86 9.64 -14.18
C ASP B 5 -20.04 10.44 -15.23
N GLU B 6 -20.55 11.62 -15.65
CA GLU B 6 -19.82 12.45 -16.64
C GLU B 6 -18.48 12.96 -16.04
N LEU B 7 -18.42 13.26 -14.72
CA LEU B 7 -17.17 13.76 -14.12
C LEU B 7 -16.11 12.62 -14.09
N TYR B 8 -16.55 11.38 -13.86
CA TYR B 8 -15.65 10.23 -13.92
C TYR B 8 -15.14 10.07 -15.35
N ARG B 9 -16.05 10.17 -16.35
CA ARG B 9 -15.72 9.99 -17.77
C ARG B 9 -14.68 11.01 -18.22
N GLN B 10 -14.91 12.31 -17.88
CA GLN B 10 -13.98 13.38 -18.25
C GLN B 10 -12.61 13.16 -17.58
N SER B 11 -12.59 12.84 -16.28
CA SER B 11 -11.37 12.60 -15.51
C SER B 11 -10.57 11.47 -16.15
N LEU B 12 -11.25 10.38 -16.53
CA LEU B 12 -10.60 9.24 -17.20
C LEU B 12 -10.00 9.67 -18.54
N GLU B 13 -10.73 10.46 -19.35
CA GLU B 13 -10.20 10.92 -20.63
C GLU B 13 -8.89 11.75 -20.45
N ILE B 14 -8.87 12.69 -19.49
CA ILE B 14 -7.69 13.55 -19.23
C ILE B 14 -6.51 12.68 -18.73
N ILE B 15 -6.76 11.90 -17.67
CA ILE B 15 -5.74 11.07 -17.03
C ILE B 15 -5.19 10.00 -18.02
N SER B 16 -6.06 9.28 -18.77
CA SER B 16 -5.60 8.32 -19.78
C SER B 16 -4.73 8.96 -20.83
N ARG B 17 -5.14 10.11 -21.37
CA ARG B 17 -4.36 10.79 -22.41
C ARG B 17 -3.00 11.24 -21.92
N TYR B 18 -2.93 11.80 -20.70
CA TYR B 18 -1.62 12.21 -20.14
C TYR B 18 -0.71 11.01 -19.93
N LEU B 19 -1.21 9.94 -19.28
CA LEU B 19 -0.36 8.77 -19.03
C LEU B 19 0.13 8.12 -20.33
N ARG B 20 -0.75 8.01 -21.35
CA ARG B 20 -0.36 7.41 -22.64
C ARG B 20 0.70 8.26 -23.35
N GLU B 21 0.53 9.58 -23.35
CA GLU B 21 1.42 10.57 -23.98
C GLU B 21 2.80 10.55 -23.32
N GLN B 22 2.82 10.44 -22.00
CA GLN B 22 4.06 10.41 -21.22
C GLN B 22 4.84 9.16 -21.54
N ALA B 23 4.16 8.01 -21.62
CA ALA B 23 4.78 6.73 -21.92
C ALA B 23 5.25 6.64 -23.41
N THR B 24 4.40 7.01 -24.38
CA THR B 24 4.73 6.89 -25.81
C THR B 24 5.57 8.05 -26.37
N GLY B 25 5.46 9.24 -25.77
CA GLY B 25 6.15 10.44 -26.22
C GLY B 25 5.42 11.13 -27.38
N ALA B 26 4.18 10.70 -27.69
CA ALA B 26 3.40 11.26 -28.78
C ALA B 26 1.98 11.60 -28.35
N LYS B 27 1.49 12.79 -28.76
CA LYS B 27 0.15 13.26 -28.46
C LYS B 27 -0.90 12.49 -29.25
N ASP B 28 -2.11 12.29 -28.66
CA ASP B 28 -3.25 11.64 -29.30
C ASP B 28 -3.99 12.71 -30.09
N THR B 29 -3.98 12.58 -31.42
CA THR B 29 -4.56 13.54 -32.37
C THR B 29 -6.10 13.45 -32.46
N LYS B 30 -6.70 12.40 -31.86
CA LYS B 30 -8.14 12.16 -31.87
C LYS B 30 -8.88 13.22 -31.02
N PRO B 31 -10.07 13.73 -31.45
CA PRO B 31 -10.76 14.75 -30.63
C PRO B 31 -11.22 14.23 -29.27
N MET B 32 -11.35 15.14 -28.30
CA MET B 32 -11.82 14.81 -26.95
C MET B 32 -13.34 14.62 -26.98
N GLY B 33 -13.88 13.97 -25.95
CA GLY B 33 -15.32 13.74 -25.84
C GLY B 33 -16.05 14.98 -25.35
N ARG B 34 -17.09 14.81 -24.51
CA ARG B 34 -17.88 15.91 -23.93
C ARG B 34 -16.97 16.80 -23.06
N SER B 35 -17.26 18.13 -22.99
CA SER B 35 -16.46 19.12 -22.25
C SER B 35 -14.99 19.12 -22.77
N GLY B 36 -14.86 18.91 -24.08
CA GLY B 36 -13.58 18.86 -24.79
C GLY B 36 -12.71 20.08 -24.62
N ALA B 37 -13.30 21.29 -24.57
CA ALA B 37 -12.51 22.53 -24.42
C ALA B 37 -11.79 22.55 -23.07
N THR B 38 -12.50 22.20 -21.98
CA THR B 38 -11.88 22.15 -20.65
C THR B 38 -10.89 21.01 -20.54
N SER B 39 -11.20 19.83 -21.10
CA SER B 39 -10.25 18.71 -21.03
C SER B 39 -8.94 19.03 -21.76
N ARG B 40 -9.02 19.77 -22.89
CA ARG B 40 -7.83 20.18 -23.65
C ARG B 40 -6.92 21.05 -22.78
N LYS B 41 -7.50 22.06 -22.09
CA LYS B 41 -6.76 22.95 -21.19
C LYS B 41 -6.20 22.19 -19.99
N ALA B 42 -6.96 21.21 -19.44
CA ALA B 42 -6.49 20.38 -18.32
C ALA B 42 -5.25 19.54 -18.73
N LEU B 43 -5.25 18.98 -19.96
CA LEU B 43 -4.10 18.22 -20.49
C LEU B 43 -2.87 19.14 -20.65
N GLU B 44 -3.06 20.36 -21.20
CA GLU B 44 -1.99 21.36 -21.36
C GLU B 44 -1.36 21.69 -19.97
N THR B 45 -2.21 21.92 -18.94
CA THR B 45 -1.80 22.19 -17.56
C THR B 45 -0.97 21.01 -17.00
N LEU B 46 -1.43 19.75 -17.24
CA LEU B 46 -0.70 18.55 -16.75
C LEU B 46 0.68 18.42 -17.41
N ARG B 47 0.82 18.85 -18.67
CA ARG B 47 2.11 18.83 -19.36
C ARG B 47 3.09 19.78 -18.70
N ARG B 48 2.59 20.91 -18.21
CA ARG B 48 3.44 21.89 -17.56
C ARG B 48 3.71 21.43 -16.10
N VAL B 49 2.65 21.32 -15.30
CA VAL B 49 2.74 21.00 -13.87
C VAL B 49 3.19 19.56 -13.59
N GLY B 50 2.54 18.58 -14.23
CA GLY B 50 2.89 17.17 -14.07
C GLY B 50 4.31 16.85 -14.45
N ASP B 51 4.82 17.42 -15.57
CA ASP B 51 6.20 17.19 -15.96
C ASP B 51 7.15 17.78 -14.89
N GLY B 52 6.78 18.94 -14.33
CA GLY B 52 7.53 19.62 -13.28
C GLY B 52 7.59 18.85 -11.98
N VAL B 53 6.44 18.27 -11.57
CA VAL B 53 6.36 17.45 -10.34
C VAL B 53 7.27 16.22 -10.50
N GLN B 54 7.23 15.58 -11.68
CA GLN B 54 8.09 14.41 -11.93
C GLN B 54 9.57 14.76 -11.89
N ARG B 55 9.99 15.92 -12.44
CA ARG B 55 11.39 16.35 -12.40
C ARG B 55 11.83 16.68 -10.96
N ASN B 56 11.05 17.51 -10.27
CA ASN B 56 11.41 17.99 -8.93
C ASN B 56 11.28 16.93 -7.82
N HIS B 57 10.53 15.85 -8.02
CA HIS B 57 10.35 14.80 -7.00
C HIS B 57 10.78 13.43 -7.53
N GLU B 58 11.70 13.40 -8.52
CA GLU B 58 12.19 12.16 -9.12
C GLU B 58 12.69 11.13 -8.10
N THR B 59 13.49 11.55 -7.11
CA THR B 59 14.07 10.62 -6.13
C THR B 59 12.97 9.99 -5.29
N ALA B 60 11.95 10.77 -4.84
CA ALA B 60 10.84 10.20 -4.06
C ALA B 60 10.01 9.24 -4.93
N PHE B 61 9.73 9.66 -6.19
CA PHE B 61 8.95 8.86 -7.12
C PHE B 61 9.67 7.54 -7.44
N GLN B 62 10.99 7.62 -7.62
CA GLN B 62 11.79 6.42 -7.91
C GLN B 62 11.75 5.45 -6.69
N GLY B 63 11.82 5.98 -5.47
CA GLY B 63 11.74 5.18 -4.24
C GLY B 63 10.41 4.45 -4.14
N MET B 64 9.32 5.17 -4.42
CA MET B 64 7.97 4.60 -4.37
C MET B 64 7.81 3.52 -5.45
N LEU B 65 8.31 3.78 -6.66
CA LEU B 65 8.25 2.80 -7.75
C LEU B 65 9.01 1.53 -7.41
N ARG B 66 10.23 1.66 -6.84
CA ARG B 66 11.07 0.51 -6.42
C ARG B 66 10.36 -0.34 -5.34
N LYS B 67 9.77 0.33 -4.34
CA LYS B 67 9.12 -0.41 -3.24
C LYS B 67 7.82 -1.09 -3.73
N LEU B 68 7.04 -0.42 -4.56
CA LEU B 68 5.79 -1.02 -5.04
C LEU B 68 6.02 -2.13 -6.06
N ASP B 69 7.07 -2.01 -6.88
CA ASP B 69 7.44 -2.97 -7.94
C ASP B 69 6.17 -3.56 -8.65
N ILE B 70 5.39 -2.67 -9.31
CA ILE B 70 4.18 -3.05 -10.05
C ILE B 70 4.66 -3.87 -11.28
N LYS B 71 4.26 -5.16 -11.36
CA LYS B 71 4.71 -6.06 -12.44
C LYS B 71 3.64 -6.32 -13.51
N ASN B 72 2.34 -6.12 -13.18
CA ASN B 72 1.25 -6.48 -14.08
C ASN B 72 -0.10 -5.85 -13.66
N GLU B 73 -1.17 -6.12 -14.44
CA GLU B 73 -2.52 -5.60 -14.19
C GLU B 73 -3.06 -5.97 -12.81
N ASP B 74 -2.77 -7.20 -12.31
CA ASP B 74 -3.22 -7.66 -10.99
C ASP B 74 -2.61 -6.84 -9.88
N ASP B 75 -1.31 -6.48 -10.04
CA ASP B 75 -0.63 -5.62 -9.07
C ASP B 75 -1.32 -4.27 -9.09
N VAL B 76 -1.70 -3.77 -10.30
CA VAL B 76 -2.40 -2.50 -10.44
C VAL B 76 -3.74 -2.54 -9.67
N LYS B 77 -4.53 -3.61 -9.84
CA LYS B 77 -5.84 -3.75 -9.18
C LYS B 77 -5.72 -3.83 -7.66
N SER B 78 -4.80 -4.65 -7.11
CA SER B 78 -4.62 -4.75 -5.66
C SER B 78 -4.04 -3.43 -5.10
N LEU B 79 -3.15 -2.76 -5.84
CA LEU B 79 -2.61 -1.48 -5.43
C LEU B 79 -3.73 -0.41 -5.40
N SER B 80 -4.66 -0.45 -6.37
CA SER B 80 -5.77 0.52 -6.40
C SER B 80 -6.66 0.41 -5.14
N ARG B 81 -6.92 -0.82 -4.64
CA ARG B 81 -7.74 -1.06 -3.47
C ARG B 81 -7.12 -0.39 -2.22
N VAL B 82 -5.78 -0.48 -2.03
CA VAL B 82 -5.15 0.16 -0.86
C VAL B 82 -4.99 1.66 -1.08
N MET B 83 -4.66 2.13 -2.31
CA MET B 83 -4.52 3.55 -2.60
C MET B 83 -5.86 4.27 -2.34
N ILE B 84 -7.02 3.59 -2.59
CA ILE B 84 -8.32 4.19 -2.30
C ILE B 84 -8.41 4.51 -0.82
N HIS B 85 -7.93 3.60 0.04
CA HIS B 85 -7.97 3.86 1.49
C HIS B 85 -6.95 4.96 1.86
N VAL B 86 -5.73 4.82 1.44
CA VAL B 86 -4.66 5.78 1.81
C VAL B 86 -5.02 7.21 1.34
N PHE B 87 -5.50 7.34 0.10
CA PHE B 87 -5.77 8.67 -0.47
C PHE B 87 -6.99 9.34 0.19
N SER B 88 -7.80 8.56 0.95
CA SER B 88 -8.97 9.08 1.67
C SER B 88 -8.58 9.85 2.92
N ASP B 89 -7.38 9.61 3.45
CA ASP B 89 -6.94 10.20 4.71
C ASP B 89 -6.20 11.53 4.49
N GLY B 90 -6.45 12.49 5.37
CA GLY B 90 -5.69 13.74 5.37
C GLY B 90 -6.26 14.82 4.50
N VAL B 91 -5.48 15.88 4.32
CA VAL B 91 -5.95 17.05 3.58
C VAL B 91 -6.12 16.78 2.10
N THR B 92 -7.03 17.54 1.48
CA THR B 92 -7.26 17.50 0.04
C THR B 92 -6.96 18.87 -0.54
N ASN B 93 -6.13 18.90 -1.59
CA ASN B 93 -5.78 20.12 -2.31
C ASN B 93 -5.37 19.73 -3.74
N TRP B 94 -5.29 20.70 -4.66
CA TRP B 94 -4.94 20.38 -6.04
C TRP B 94 -3.52 19.84 -6.17
N GLY B 95 -2.64 20.23 -5.25
CA GLY B 95 -1.26 19.74 -5.22
C GLY B 95 -1.21 18.24 -5.01
N ARG B 96 -2.00 17.72 -4.05
CA ARG B 96 -2.07 16.28 -3.79
C ARG B 96 -2.62 15.54 -5.04
N ILE B 97 -3.66 16.10 -5.64
CA ILE B 97 -4.31 15.52 -6.82
C ILE B 97 -3.37 15.49 -8.03
N VAL B 98 -2.63 16.59 -8.27
CA VAL B 98 -1.74 16.60 -9.45
C VAL B 98 -0.55 15.64 -9.18
N THR B 99 -0.16 15.43 -7.90
CA THR B 99 0.93 14.51 -7.56
C THR B 99 0.51 13.08 -7.86
N LEU B 100 -0.75 12.71 -7.54
CA LEU B 100 -1.29 11.36 -7.83
C LEU B 100 -1.19 11.09 -9.35
N ILE B 101 -1.64 12.06 -10.17
CA ILE B 101 -1.64 11.90 -11.64
C ILE B 101 -0.18 11.86 -12.15
N SER B 102 0.70 12.71 -11.60
CA SER B 102 2.12 12.78 -11.96
C SER B 102 2.81 11.45 -11.65
N PHE B 103 2.48 10.86 -10.49
CA PHE B 103 3.03 9.54 -10.12
C PHE B 103 2.50 8.47 -11.09
N GLY B 104 1.24 8.59 -11.47
CA GLY B 104 0.61 7.76 -12.50
C GLY B 104 1.43 7.78 -13.78
N ALA B 105 1.79 9.00 -14.28
CA ALA B 105 2.62 9.12 -15.50
C ALA B 105 4.00 8.49 -15.29
N PHE B 106 4.60 8.71 -14.12
CA PHE B 106 5.94 8.17 -13.78
C PHE B 106 5.89 6.63 -13.85
N VAL B 107 4.79 6.03 -13.31
CA VAL B 107 4.57 4.56 -13.33
C VAL B 107 4.34 4.09 -14.78
N ALA B 108 3.57 4.84 -15.57
CA ALA B 108 3.29 4.47 -16.95
C ALA B 108 4.57 4.38 -17.80
N LYS B 109 5.51 5.33 -17.62
CA LYS B 109 6.78 5.27 -18.34
C LYS B 109 7.53 4.03 -17.91
N HIS B 110 7.46 3.67 -16.62
CA HIS B 110 8.19 2.48 -16.13
C HIS B 110 7.58 1.19 -16.73
N LEU B 111 6.25 1.13 -16.80
CA LEU B 111 5.55 -0.05 -17.33
C LEU B 111 6.01 -0.31 -18.78
N LYS B 112 6.24 0.76 -19.56
CA LYS B 112 6.76 0.61 -20.92
C LYS B 112 8.15 -0.05 -20.92
N THR B 113 9.03 0.34 -19.98
CA THR B 113 10.38 -0.17 -19.88
CA THR B 113 10.39 -0.21 -19.88
C THR B 113 10.39 -1.70 -19.57
N ILE B 114 9.37 -2.20 -18.83
CA ILE B 114 9.31 -3.62 -18.47
C ILE B 114 8.31 -4.42 -19.36
N ASN B 115 8.02 -3.89 -20.57
CA ASN B 115 7.16 -4.51 -21.60
C ASN B 115 5.73 -4.75 -21.10
N GLN B 116 5.23 -3.76 -20.33
CA GLN B 116 3.89 -3.77 -19.74
C GLN B 116 3.09 -2.52 -20.19
N GLU B 117 3.24 -2.11 -21.46
CA GLU B 117 2.51 -0.96 -22.02
C GLU B 117 1.01 -1.18 -21.94
N SER B 118 0.61 -2.46 -21.93
CA SER B 118 -0.77 -2.93 -21.81
C SER B 118 -1.40 -2.55 -20.46
N CYS B 119 -0.58 -2.38 -19.40
CA CYS B 119 -1.07 -2.00 -18.07
C CYS B 119 -1.33 -0.50 -17.94
N ILE B 120 -1.04 0.32 -18.96
CA ILE B 120 -1.17 1.79 -18.84
C ILE B 120 -2.65 2.23 -18.79
N GLU B 121 -3.51 1.67 -19.65
CA GLU B 121 -4.96 1.99 -19.62
C GLU B 121 -5.57 1.47 -18.27
N PRO B 122 -5.30 0.22 -17.80
CA PRO B 122 -5.76 -0.18 -16.45
C PRO B 122 -5.20 0.71 -15.32
N LEU B 123 -3.96 1.21 -15.48
CA LEU B 123 -3.36 2.11 -14.48
C LEU B 123 -4.14 3.42 -14.47
N ALA B 124 -4.46 3.96 -15.67
CA ALA B 124 -5.19 5.21 -15.78
C ALA B 124 -6.60 5.08 -15.18
N GLU B 125 -7.22 3.90 -15.33
CA GLU B 125 -8.53 3.60 -14.74
C GLU B 125 -8.45 3.57 -13.21
N SER B 126 -7.35 2.99 -12.67
CA SER B 126 -7.14 2.92 -11.23
C SER B 126 -6.87 4.28 -10.61
N ILE B 127 -6.01 5.13 -11.25
CA ILE B 127 -5.76 6.50 -10.78
C ILE B 127 -7.09 7.30 -10.74
N THR B 128 -7.93 7.16 -11.79
CA THR B 128 -9.23 7.85 -11.89
C THR B 128 -10.16 7.35 -10.76
N ASP B 129 -10.19 6.03 -10.53
CA ASP B 129 -10.97 5.46 -9.43
C ASP B 129 -10.54 6.02 -8.11
N VAL B 130 -9.20 6.03 -7.85
CA VAL B 130 -8.66 6.56 -6.60
C VAL B 130 -9.15 8.01 -6.41
N LEU B 131 -8.93 8.84 -7.42
CA LEU B 131 -9.32 10.25 -7.36
C LEU B 131 -10.83 10.47 -7.21
N VAL B 132 -11.65 9.90 -8.08
CA VAL B 132 -13.09 10.15 -8.09
C VAL B 132 -13.81 9.49 -6.89
N ARG B 133 -13.44 8.27 -6.49
CA ARG B 133 -14.10 7.68 -5.33
C ARG B 133 -13.83 8.40 -4.05
N THR B 134 -12.62 8.92 -3.89
CA THR B 134 -12.32 9.56 -2.61
C THR B 134 -12.60 11.06 -2.62
N LYS B 135 -12.48 11.73 -3.77
CA LYS B 135 -12.58 13.21 -3.78
C LYS B 135 -13.72 13.80 -4.59
N ARG B 136 -14.70 13.01 -5.08
CA ARG B 136 -15.73 13.57 -5.97
C ARG B 136 -16.39 14.86 -5.41
N ASP B 137 -16.82 14.85 -4.13
CA ASP B 137 -17.53 16.05 -3.59
C ASP B 137 -16.60 17.29 -3.54
N TRP B 138 -15.32 17.07 -3.16
CA TRP B 138 -14.31 18.13 -3.16
C TRP B 138 -14.14 18.65 -4.58
N LEU B 139 -14.03 17.72 -5.56
CA LEU B 139 -13.87 18.12 -6.98
C LEU B 139 -15.02 18.98 -7.44
N VAL B 140 -16.26 18.58 -7.11
CA VAL B 140 -17.43 19.35 -7.55
C VAL B 140 -17.39 20.77 -6.93
N LYS B 141 -17.10 20.87 -5.62
CA LYS B 141 -17.06 22.15 -4.89
C LYS B 141 -15.96 23.07 -5.39
N GLN B 142 -14.90 22.50 -5.98
CA GLN B 142 -13.77 23.23 -6.54
C GLN B 142 -13.90 23.42 -8.06
N ARG B 143 -15.11 23.16 -8.62
CA ARG B 143 -15.44 23.41 -10.05
C ARG B 143 -14.74 22.43 -11.02
N GLY B 144 -14.49 21.22 -10.55
CA GLY B 144 -13.91 20.15 -11.35
C GLY B 144 -12.69 20.55 -12.14
N TRP B 145 -12.65 20.14 -13.41
CA TRP B 145 -11.45 20.38 -14.23
C TRP B 145 -11.27 21.87 -14.61
N ASP B 146 -12.35 22.66 -14.59
CA ASP B 146 -12.22 24.10 -14.79
C ASP B 146 -11.46 24.71 -13.60
N GLY B 147 -11.75 24.25 -12.39
CA GLY B 147 -11.07 24.66 -11.16
C GLY B 147 -9.61 24.29 -11.18
N PHE B 148 -9.31 23.11 -11.73
CA PHE B 148 -7.93 22.61 -11.88
C PHE B 148 -7.15 23.56 -12.79
N VAL B 149 -7.71 23.87 -13.97
CA VAL B 149 -7.07 24.77 -14.95
C VAL B 149 -6.85 26.16 -14.30
N GLU B 150 -7.89 26.72 -13.65
CA GLU B 150 -7.80 28.05 -13.04
C GLU B 150 -6.73 28.06 -11.93
N PHE B 151 -6.68 27.02 -11.08
CA PHE B 151 -5.71 26.94 -9.98
C PHE B 151 -4.24 27.04 -10.46
N PHE B 152 -3.91 26.29 -11.51
CA PHE B 152 -2.54 26.26 -12.02
C PHE B 152 -2.26 27.24 -13.18
N HIS B 153 -3.16 28.23 -13.46
CA HIS B 153 -2.93 29.20 -14.53
C HIS B 153 -1.72 30.08 -14.17
N VAL B 154 -0.85 30.36 -15.16
CA VAL B 154 0.37 31.14 -14.91
C VAL B 154 0.18 32.63 -15.23
C1 Q01 C . 5.58 3.76 0.12
C2 Q01 C . 4.69 4.82 0.06
C3 Q01 C . 4.04 5.12 -1.13
C4 Q01 C . 4.29 4.36 -2.26
C5 Q01 C . 5.21 3.33 -2.21
C6 Q01 C . 5.85 3.03 -1.03
C8 Q01 C . 7.93 3.38 3.91
C11 Q01 C . 8.32 -0.42 6.46
C12 Q01 C . 8.96 -1.66 5.86
C13 Q01 C . 7.59 -0.46 7.67
C14 Q01 C . 5.43 -3.24 7.24
C15 Q01 C . 4.55 -2.83 6.08
C16 Q01 C . 2.25 -3.82 6.56
C21 Q01 C . -0.52 -8.25 6.77
C23 Q01 C . -0.66 -7.35 4.49
C24 Q01 C . 1.68 -6.09 5.94
C25 Q01 C . 2.62 -5.09 6.09
C26 Q01 C . 3.05 -1.65 7.52
C27 Q01 C . 3.85 -2.02 8.74
O4 Q01 C . 6.06 -1.03 10.26
S1 Q01 C . 6.45 -2.06 9.37
O3 Q01 C . 6.86 -3.33 9.88
N2 Q01 C . 5.25 -2.32 8.38
N3 Q01 C . 3.16 -2.72 6.53
C19 Q01 C . 0.35 -5.90 6.29
C20 Q01 C . -0.72 -6.96 5.97
C22 Q01 C . -2.15 -6.46 6.26
C18 Q01 C . -0.01 -4.66 6.82
C17 Q01 C . 0.92 -3.64 6.95
N1 Q01 C . 7.73 -1.58 8.54
O2 Q01 C . 9.22 -1.73 4.66
O1 Q01 C . 9.27 -2.61 6.68
C10 Q01 C . 8.44 0.80 5.79
C28 Q01 C . 6.88 0.66 8.09
C29 Q01 C . 6.99 1.86 7.40
C9 Q01 C . 7.82 1.95 6.30
S Q01 C . 8.23 3.55 5.67
C7 Q01 C . 6.54 2.88 3.64
C Q01 C . 5.99 3.78 2.57
O Q01 C . 5.49 4.87 2.83
N Q01 C . 6.13 3.29 1.33
C11 Q01 D . 14.36 2.87 6.97
C12 Q01 D . 15.20 2.31 5.87
C13 Q01 D . 14.32 2.30 8.27
O4 Q01 D . 15.38 0.88 11.05
S1 Q01 D . 15.04 0.19 9.85
O3 Q01 D . 15.72 -1.03 9.53
N1 Q01 D . 15.17 1.20 8.58
O2 Q01 D . 15.09 2.92 4.74
O1 Q01 D . 15.92 1.34 6.01
C10 Q01 D . 13.55 3.98 6.70
C28 Q01 D . 13.47 2.85 9.24
C29 Q01 D . 12.66 3.93 8.93
C9 Q01 D . 12.71 4.50 7.68
S Q01 D . 11.75 5.93 7.27
C14 Q01 E . 11.39 2.56 13.80
C15 Q01 E . 12.26 1.36 14.09
C16 Q01 E . 12.65 -0.26 15.92
C21 Q01 E . 15.09 -4.41 17.44
C23 Q01 E . 15.56 -2.91 19.35
C24 Q01 E . 13.09 -2.31 17.14
C25 Q01 E . 12.22 -1.47 16.45
C26 Q01 E . 10.40 0.16 15.01
C27 Q01 E . 9.46 1.32 14.72
O4 Q01 E . 9.28 4.21 12.50
S1 Q01 E . 9.09 2.79 12.45
O3 Q01 E . 7.77 2.27 12.45
N2 Q01 E . 9.98 2.15 13.62
N3 Q01 E . 11.77 0.62 15.25
C19 Q01 E . 14.44 -1.99 17.28
C20 Q01 E . 15.46 -2.99 17.83
C22 Q01 E . 16.86 -2.77 17.25
C18 Q01 E . 14.87 -0.76 16.77
C17 Q01 E . 14.01 0.07 16.09
C1 BNL F . 10.86 -0.77 9.20
C2 BNL F . 12.22 -0.63 8.88
C3 BNL F . 13.09 -0.64 9.98
C4 BNL F . 12.67 -0.67 11.32
C5 BNL F . 11.30 -0.78 11.58
C6 BNL F . 10.41 -0.82 10.51
C12 BNL F . 14.01 -1.43 5.60
C13 BNL F . 13.27 -0.65 4.69
C14 BNL F . 12.22 0.17 5.15
C15 BNL F . 11.92 0.17 6.52
C16 BNL F . 12.66 -0.60 7.44
C17 BNL F . 13.73 -1.40 6.98
C1 Q01 G . 2.12 4.58 4.43
C2 Q01 G . 3.02 3.61 4.84
C3 Q01 G . 2.57 2.50 5.53
C4 Q01 G . 1.23 2.37 5.84
C5 Q01 G . 0.34 3.35 5.47
C6 Q01 G . 0.77 4.46 4.75
C8 Q01 G . 3.10 8.60 2.89
C11 Q01 G . 0.60 10.47 -0.52
C12 Q01 G . -0.92 10.57 -0.44
C13 Q01 G . 1.29 10.54 -1.76
C14 Q01 G . -0.72 8.30 -3.46
C15 Q01 G . -0.40 7.33 -2.31
C16 Q01 G . 0.51 5.07 -1.94
C21 Q01 G . 1.79 0.43 -0.18
C23 Q01 G . 0.45 1.40 1.65
C24 Q01 G . 1.00 2.72 -1.63
C25 Q01 G . 0.67 3.79 -2.46
C26 Q01 G . 1.60 6.57 -3.53
C27 Q01 G . 1.28 7.56 -4.66
O4 Q01 G . 2.25 10.49 -4.70
S1 Q01 G . 0.89 10.29 -4.31
O3 Q01 G . -0.16 10.88 -5.06
N2 Q01 G . 0.53 8.72 -4.11
N3 Q01 G . 0.38 6.19 -2.79
C19 Q01 G . 1.15 2.89 -0.26
C20 Q01 G . 1.55 1.71 0.63
C22 Q01 G . 2.86 1.99 1.40
C18 Q01 G . 0.92 4.15 0.28
C17 Q01 G . 0.60 5.23 -0.54
N1 Q01 G . 0.64 11.02 -2.90
O2 Q01 G . -1.61 9.99 0.40
O1 Q01 G . -1.47 11.29 -1.34
C10 Q01 G . 1.36 10.26 0.64
C28 Q01 G . 2.67 10.30 -1.82
C29 Q01 G . 3.38 10.08 -0.65
C9 Q01 G . 2.74 10.09 0.56
S Q01 G . 3.89 9.87 1.90
C7 Q01 G . 2.64 7.46 2.03
C Q01 G . 1.86 6.59 2.95
O Q01 G . 0.65 6.76 3.11
N Q01 G . 2.59 5.63 3.58
C8 Q01 H . 5.69 12.57 2.85
C11 Q01 H . 1.54 15.43 4.07
C12 Q01 H . 0.33 15.49 4.95
C13 Q01 H . 1.66 16.17 2.86
O4 Q01 H . 1.41 18.66 0.73
S1 Q01 H . 0.40 17.66 0.96
O3 Q01 H . -0.98 18.02 0.85
N1 Q01 H . 0.65 17.09 2.47
O2 Q01 H . -0.63 16.30 4.59
O1 Q01 H . 0.24 14.77 5.95
C10 Q01 H . 2.57 14.58 4.44
C28 Q01 H . 2.80 16.00 2.06
C29 Q01 H . 3.80 15.13 2.45
C9 Q01 H . 3.71 14.43 3.65
S Q01 H . 4.99 13.41 4.29
C8 Q01 I . 7.25 24.11 -12.09
C11 Q01 I . 5.44 21.54 -8.82
C12 Q01 I . 6.39 20.67 -8.04
C13 Q01 I . 4.25 22.05 -8.26
C14 Q01 I . 2.18 19.47 -5.46
C15 Q01 I . 3.42 18.63 -5.54
C16 Q01 I . 4.68 17.53 -3.74
C21 Q01 I . 7.62 14.00 -1.46
C23 Q01 I . 6.33 12.73 -3.15
C24 Q01 I . 5.46 16.25 -1.86
C25 Q01 I . 4.92 17.41 -2.38
C26 Q01 I . 4.45 19.99 -3.75
C27 Q01 I . 3.21 20.85 -3.71
O4 Q01 I . 1.26 22.01 -6.75
S1 Q01 I . 2.53 22.03 -6.06
O3 Q01 I . 2.96 23.22 -5.41
N2 Q01 I . 2.57 20.83 -5.04
N3 Q01 I . 4.12 18.66 -4.25
C19 Q01 I . 5.74 15.16 -2.68
C20 Q01 I . 6.23 13.83 -2.08
C22 Q01 I . 5.27 13.33 -1.00
C18 Q01 I . 5.49 15.29 -4.04
C17 Q01 I . 4.98 16.46 -4.57
N1 Q01 I . 3.77 21.56 -7.02
O2 Q01 I . 7.37 20.24 -8.63
O1 Q01 I . 6.18 20.43 -6.74
C10 Q01 I . 5.81 21.93 -10.11
C28 Q01 I . 3.50 22.99 -8.99
C29 Q01 I . 3.92 23.40 -10.26
C9 Q01 I . 5.07 22.86 -10.83
S Q01 I . 5.64 23.38 -12.42
C1 BNL J . -0.07 13.23 1.68
C2 BNL J . -0.47 14.38 0.97
C3 BNL J . -1.68 15.01 1.35
C4 BNL J . -2.45 14.51 2.44
C5 BNL J . -2.03 13.35 3.12
C6 BNL J . -0.82 12.74 2.75
C12 BNL J . 1.35 14.36 -2.38
C13 BNL J . 1.71 15.69 -2.61
C14 BNL J . 1.35 16.64 -1.67
C15 BNL J . 0.65 16.19 -0.52
C16 BNL J . 0.32 14.84 -0.24
C17 BNL J . 0.66 13.94 -1.24
#